data_6EV6
#
_entry.id   6EV6
#
_cell.length_a   96.050
_cell.length_b   63.680
_cell.length_c   87.790
_cell.angle_alpha   90.00
_cell.angle_beta   90.00
_cell.angle_gamma   90.00
#
_symmetry.space_group_name_H-M   'P 21 21 2'
#
loop_
_entity.id
_entity.type
_entity.pdbx_description
1 polymer 'Ferulic acid decarboxylase 1'
2 non-polymer 'MANGANESE (II) ION'
3 non-polymer 'POTASSIUM ION'
4 non-polymer 1-deoxy-5-O-phosphono-1-[(10aR)-2,2,3,4-tetramethyl-8,10-dioxo-1,2,8,9,10,10a-hexahydro-6H-indeno[1,7-ef]pyrimido[4,5-b][1,4]diazepin-6-yl]-D-ribitol
5 non-polymer 'hydroxylated prenyl-FMN'
6 water water
#
_entity_poly.entity_id   1
_entity_poly.type   'polypeptide(L)'
_entity_poly.pdbx_seq_one_letter_code
;MSAQPAHLCFRSFVEALKVDNDLVEINTPIDPNLEAAAITRRVCETNDKAPLFNNLIGMKNGLFRILGAPGSLRKSSADR
YGRLARHLALPPTASMREILDKMLSASDMPPIPPTIVPTGPCKENSLDDSEFDLTELPVPLIHKSDGGKYIQTYGMHIVQ
SPDGTWTNWSIARAMVHDKNHLTGLVIPPQHIWQIHQMWKKEGRSDVPWALAFGVPPAAIMASSMPIPDGVTEAGYVGAM
TGSSLELVKCDTNDLYVPATSEIVLEGTLSISETGPEGPFGQMHGYIFPGDTHLGAKYKVNRITYRNNAIMPMSSCGRLT
DETHTMIGSLAAAEIRKLCQQNDLPITDAFAPFESQVTWVALRVDTEKLRAMKTTSEGFRKRVGDVVFNHKAGYTIHRLV
LVGDDIDVYEGKDVLWAFSTRCRPGMDETLFEDVRGFPLIPYMGHGNGPAHRGGKVVSDALMPTEYTTGRNWEAADFNQS
YPEDLKQKVLDNWTKMGFSNLEHHHHHH
;
_entity_poly.pdbx_strand_id   A
#
# COMPACT_ATOMS: atom_id res chain seq x y z
N GLN A 4 15.61 14.59 -13.06
CA GLN A 4 15.61 14.18 -11.65
C GLN A 4 15.49 12.63 -11.63
N PRO A 5 15.98 12.01 -10.59
CA PRO A 5 15.83 10.59 -10.47
C PRO A 5 14.42 10.08 -10.38
N ALA A 6 14.16 8.91 -10.92
CA ALA A 6 12.79 8.32 -10.93
C ALA A 6 12.20 8.21 -9.54
N HIS A 7 12.92 7.88 -8.53
CA HIS A 7 12.35 7.75 -7.20
C HIS A 7 11.98 9.08 -6.57
N LEU A 8 12.49 10.19 -7.09
CA LEU A 8 12.28 11.52 -6.57
C LEU A 8 11.40 12.36 -7.44
N CYS A 9 10.88 11.92 -8.54
CA CYS A 9 10.09 12.72 -9.49
C CYS A 9 9.23 11.80 -10.30
N PHE A 10 7.88 11.98 -10.16
CA PHE A 10 6.97 11.11 -10.85
C PHE A 10 7.09 11.14 -12.35
N ARG A 11 7.35 12.31 -12.92
CA ARG A 11 7.48 12.40 -14.34
C ARG A 11 8.66 11.52 -14.83
N SER A 12 9.74 11.53 -14.09
CA SER A 12 10.89 10.68 -14.37
C SER A 12 10.58 9.20 -14.16
N PHE A 13 9.74 8.86 -13.17
CA PHE A 13 9.28 7.48 -12.99
C PHE A 13 8.51 7.00 -14.17
N VAL A 14 7.65 7.83 -14.73
CA VAL A 14 6.92 7.39 -15.98
C VAL A 14 7.87 7.09 -17.09
N GLU A 15 8.94 7.88 -17.23
N GLU A 15 8.85 7.99 -17.24
CA GLU A 15 9.96 7.58 -18.27
CA GLU A 15 9.87 7.79 -18.25
C GLU A 15 10.65 6.30 -17.98
C GLU A 15 10.71 6.55 -17.98
N ALA A 16 10.96 6.12 -16.71
CA ALA A 16 11.61 4.87 -16.39
C ALA A 16 10.81 3.71 -16.77
N LEU A 17 9.49 3.68 -16.54
CA LEU A 17 8.67 2.60 -16.94
C LEU A 17 8.71 2.45 -18.48
N LYS A 18 8.65 3.49 -19.21
N LYS A 18 8.69 3.58 -19.18
CA LYS A 18 8.81 3.31 -20.65
CA LYS A 18 8.78 3.64 -20.66
C LYS A 18 10.11 2.60 -21.04
C LYS A 18 10.06 3.05 -21.15
N VAL A 19 11.22 2.98 -20.42
N VAL A 19 11.14 3.50 -20.63
CA VAL A 19 12.53 2.49 -20.84
CA VAL A 19 12.37 2.87 -21.01
C VAL A 19 12.66 1.09 -20.45
C VAL A 19 12.61 1.44 -20.53
N ASP A 20 11.94 0.79 -19.44
CA ASP A 20 11.91 -0.53 -19.01
C ASP A 20 11.08 -1.52 -19.94
N ASN A 21 10.37 -0.91 -20.91
CA ASN A 21 9.40 -1.66 -21.68
C ASN A 21 8.28 -2.24 -20.77
N ASP A 22 7.88 -1.32 -19.83
CA ASP A 22 6.87 -1.64 -18.82
C ASP A 22 5.72 -0.68 -18.88
N LEU A 23 5.59 0.11 -19.97
N LEU A 23 5.37 -0.22 -20.06
CA LEU A 23 4.50 1.08 -20.21
CA LEU A 23 4.37 0.83 -20.14
C LEU A 23 3.87 0.76 -21.55
C LEU A 23 3.90 1.03 -21.54
N VAL A 24 2.56 1.01 -21.67
CA VAL A 24 1.86 1.13 -22.96
C VAL A 24 1.24 2.50 -22.98
N GLU A 25 1.65 3.31 -23.94
CA GLU A 25 1.08 4.65 -24.14
C GLU A 25 -0.11 4.56 -25.05
N ILE A 26 -1.35 4.79 -24.57
N ILE A 26 -1.18 5.12 -24.63
CA ILE A 26 -2.54 4.82 -25.37
CA ILE A 26 -2.42 4.93 -25.39
C ILE A 26 -2.70 6.36 -25.75
C ILE A 26 -2.91 6.34 -25.76
N ASN A 27 -2.65 6.64 -27.05
CA ASN A 27 -2.72 7.99 -27.55
C ASN A 27 -4.05 8.28 -28.25
N THR A 28 -4.91 7.30 -28.36
CA THR A 28 -6.27 7.49 -28.92
C THR A 28 -7.26 7.79 -27.83
N PRO A 29 -8.44 8.29 -28.03
CA PRO A 29 -9.29 8.70 -26.92
C PRO A 29 -9.77 7.54 -26.10
N ILE A 30 -9.67 7.72 -24.77
CA ILE A 30 -10.14 6.74 -23.81
C ILE A 30 -11.08 7.45 -22.84
N ASP A 31 -12.16 6.80 -22.52
CA ASP A 31 -13.19 7.38 -21.65
C ASP A 31 -12.81 7.22 -20.15
N PRO A 32 -12.76 8.27 -19.37
CA PRO A 32 -12.60 8.07 -17.91
C PRO A 32 -13.77 7.47 -17.30
N ASN A 33 -14.96 7.45 -17.93
CA ASN A 33 -16.09 6.70 -17.41
C ASN A 33 -15.87 5.24 -17.75
N LEU A 34 -15.33 4.51 -16.75
CA LEU A 34 -15.08 3.10 -16.77
C LEU A 34 -14.02 2.59 -17.70
N GLU A 35 -13.80 3.08 -18.91
CA GLU A 35 -12.89 2.47 -19.83
C GLU A 35 -11.44 2.43 -19.36
N ALA A 36 -10.98 3.61 -18.87
CA ALA A 36 -9.57 3.66 -18.40
C ALA A 36 -9.40 2.64 -17.25
N ALA A 37 -10.33 2.61 -16.32
CA ALA A 37 -10.24 1.69 -15.18
C ALA A 37 -10.40 0.25 -15.62
N ALA A 38 -11.18 -0.08 -16.65
CA ALA A 38 -11.33 -1.45 -17.09
C ALA A 38 -10.07 -1.95 -17.70
N ILE A 39 -9.40 -1.14 -18.52
CA ILE A 39 -8.15 -1.49 -19.09
C ILE A 39 -7.13 -1.74 -17.94
N THR A 40 -7.09 -0.82 -17.00
CA THR A 40 -6.17 -0.94 -15.84
C THR A 40 -6.48 -2.20 -15.03
N ARG A 41 -7.76 -2.49 -14.82
CA ARG A 41 -8.15 -3.72 -14.10
C ARG A 41 -7.62 -4.91 -14.78
N ARG A 42 -7.77 -4.99 -16.12
N ARG A 42 -7.76 -5.05 -16.11
CA ARG A 42 -7.29 -6.11 -16.89
CA ARG A 42 -7.22 -6.22 -16.81
C ARG A 42 -5.80 -6.26 -16.76
C ARG A 42 -5.67 -6.28 -16.82
N VAL A 43 -5.05 -5.12 -16.85
CA VAL A 43 -3.62 -5.10 -16.65
C VAL A 43 -3.30 -5.72 -15.31
N CYS A 44 -3.96 -5.30 -14.24
CA CYS A 44 -3.69 -5.79 -12.89
C CYS A 44 -3.94 -7.29 -12.72
N GLU A 45 -4.98 -7.78 -13.38
CA GLU A 45 -5.33 -9.19 -13.27
C GLU A 45 -4.45 -10.07 -14.09
N THR A 46 -3.65 -9.50 -15.01
CA THR A 46 -2.78 -10.24 -15.90
C THR A 46 -1.36 -9.86 -15.78
N ASN A 47 -0.98 -9.00 -14.85
CA ASN A 47 0.39 -8.49 -14.64
C ASN A 47 1.02 -7.92 -15.91
N ASP A 48 0.20 -7.17 -16.68
CA ASP A 48 0.68 -6.57 -17.93
C ASP A 48 1.35 -5.23 -17.65
N LYS A 49 1.82 -4.59 -18.71
CA LYS A 49 2.47 -3.29 -18.68
C LYS A 49 1.48 -2.19 -18.17
N ALA A 50 2.05 -1.21 -17.49
CA ALA A 50 1.22 -0.11 -16.96
C ALA A 50 0.65 0.72 -18.12
N PRO A 51 -0.61 1.10 -18.09
CA PRO A 51 -1.19 1.98 -19.17
C PRO A 51 -1.05 3.40 -18.87
N LEU A 52 -0.58 4.19 -19.82
CA LEU A 52 -0.52 5.65 -19.76
C LEU A 52 -1.58 6.19 -20.76
N PHE A 53 -2.60 6.79 -20.26
CA PHE A 53 -3.71 7.32 -21.13
C PHE A 53 -3.37 8.77 -21.37
N ASN A 54 -2.82 9.01 -22.58
CA ASN A 54 -2.40 10.35 -23.03
C ASN A 54 -3.56 11.12 -23.67
N ASN A 55 -4.69 10.54 -23.88
CA ASN A 55 -5.81 11.21 -24.61
C ASN A 55 -7.08 10.82 -23.92
N LEU A 56 -7.39 11.50 -22.84
N LEU A 56 -7.36 11.40 -22.77
CA LEU A 56 -8.44 11.12 -21.90
CA LEU A 56 -8.60 11.12 -21.99
C LEU A 56 -9.64 12.00 -22.23
C LEU A 56 -9.67 12.00 -22.43
N ILE A 57 -10.81 11.43 -22.61
CA ILE A 57 -12.01 12.21 -23.00
C ILE A 57 -12.39 13.07 -21.82
N GLY A 58 -12.43 14.39 -22.08
CA GLY A 58 -12.72 15.37 -21.04
C GLY A 58 -11.54 16.10 -20.50
N MET A 59 -10.32 15.70 -20.85
N MET A 59 -10.36 15.76 -20.92
CA MET A 59 -9.02 16.46 -20.56
CA MET A 59 -9.27 16.61 -20.55
C MET A 59 -9.09 17.87 -21.22
C MET A 59 -9.60 18.07 -20.92
N LYS A 60 -8.81 18.89 -20.37
CA LYS A 60 -8.95 20.34 -20.80
C LYS A 60 -7.85 21.08 -20.12
N ASN A 61 -7.16 21.92 -20.91
CA ASN A 61 -6.18 22.89 -20.32
C ASN A 61 -5.23 22.14 -19.41
N GLY A 62 -4.87 20.96 -19.79
CA GLY A 62 -3.81 20.29 -19.15
C GLY A 62 -4.30 19.30 -18.11
N LEU A 63 -5.55 19.26 -17.72
CA LEU A 63 -6.01 18.38 -16.63
C LEU A 63 -6.90 17.31 -17.22
N PHE A 64 -6.54 16.05 -17.36
CA PHE A 64 -5.21 15.45 -16.99
C PHE A 64 -5.10 14.17 -17.81
N ARG A 65 -3.88 13.64 -17.92
CA ARG A 65 -3.58 12.26 -18.39
C ARG A 65 -3.73 11.30 -17.20
N ILE A 66 -3.79 10.00 -17.40
CA ILE A 66 -3.82 9.06 -16.29
C ILE A 66 -2.77 8.02 -16.49
N LEU A 67 -2.03 7.65 -15.42
CA LEU A 67 -1.23 6.41 -15.40
C LEU A 67 -1.90 5.39 -14.51
N GLY A 68 -2.32 4.27 -15.04
CA GLY A 68 -2.86 3.21 -14.22
C GLY A 68 -1.79 2.25 -13.72
N ALA A 69 -2.14 1.48 -12.69
CA ALA A 69 -1.33 0.36 -12.23
C ALA A 69 0.14 0.79 -11.87
N PRO A 70 0.34 1.91 -11.20
CA PRO A 70 1.72 2.36 -10.94
C PRO A 70 2.53 1.49 -10.04
N GLY A 71 1.89 0.66 -9.19
CA GLY A 71 2.59 -0.20 -8.25
C GLY A 71 2.22 -1.62 -8.34
N SER A 72 1.74 -2.07 -9.51
CA SER A 72 1.30 -3.41 -9.73
C SER A 72 2.45 -4.34 -10.23
N LEU A 73 2.15 -5.60 -10.47
CA LEU A 73 3.20 -6.60 -10.73
C LEU A 73 3.55 -6.72 -12.17
N ARG A 74 4.77 -7.10 -12.46
CA ARG A 74 5.19 -7.49 -13.81
C ARG A 74 5.05 -9.00 -13.97
N LYS A 75 4.95 -9.43 -15.25
CA LYS A 75 4.66 -10.87 -15.51
C LYS A 75 5.82 -11.80 -15.18
N SER A 76 7.01 -11.40 -15.45
N SER A 76 6.99 -11.36 -15.53
CA SER A 76 8.13 -12.35 -15.14
CA SER A 76 8.22 -12.21 -15.32
C SER A 76 8.43 -12.47 -13.67
C SER A 76 8.60 -12.37 -13.84
N SER A 77 8.88 -13.61 -13.30
CA SER A 77 9.39 -13.83 -11.99
C SER A 77 10.63 -13.00 -11.69
N ALA A 78 11.49 -12.78 -12.64
CA ALA A 78 12.74 -12.18 -12.38
C ALA A 78 12.60 -10.69 -11.98
N ASP A 79 11.64 -9.98 -12.53
CA ASP A 79 11.45 -8.58 -12.18
C ASP A 79 10.02 -8.36 -11.76
N ARG A 80 9.43 -9.30 -11.10
CA ARG A 80 8.03 -9.28 -10.60
C ARG A 80 7.71 -7.98 -9.92
N TYR A 81 8.62 -7.52 -9.05
CA TYR A 81 8.43 -6.32 -8.21
C TYR A 81 9.10 -5.11 -8.78
N GLY A 82 9.43 -5.13 -10.06
CA GLY A 82 10.18 -4.04 -10.63
C GLY A 82 9.56 -2.66 -10.54
N ARG A 83 8.21 -2.57 -10.63
CA ARG A 83 7.59 -1.28 -10.48
C ARG A 83 7.75 -0.73 -9.15
N LEU A 84 7.71 -1.56 -8.20
N LEU A 84 7.69 -1.50 -8.01
CA LEU A 84 7.90 -1.13 -6.93
CA LEU A 84 8.05 -1.11 -6.57
C LEU A 84 9.37 -0.69 -6.72
C LEU A 84 9.52 -0.71 -6.47
N ALA A 85 10.36 -1.52 -7.15
CA ALA A 85 11.79 -1.17 -7.11
C ALA A 85 12.04 0.19 -7.72
N ARG A 86 11.33 0.53 -8.79
CA ARG A 86 11.46 1.83 -9.44
C ARG A 86 10.94 2.97 -8.61
N HIS A 87 10.15 2.73 -7.56
CA HIS A 87 9.78 3.76 -6.62
C HIS A 87 10.94 4.13 -5.66
N LEU A 88 12.01 3.31 -5.63
CA LEU A 88 12.93 3.34 -4.53
C LEU A 88 14.42 3.36 -4.97
N ALA A 89 14.69 3.46 -6.25
CA ALA A 89 16.09 3.45 -6.79
C ALA A 89 16.67 2.10 -6.66
N LEU A 90 15.94 1.04 -6.45
CA LEU A 90 16.45 -0.33 -6.40
C LEU A 90 16.50 -0.93 -7.74
N PRO A 91 17.40 -1.93 -7.97
CA PRO A 91 17.38 -2.65 -9.22
C PRO A 91 16.06 -3.27 -9.50
N PRO A 92 15.60 -3.43 -10.73
CA PRO A 92 14.26 -3.95 -11.00
C PRO A 92 14.07 -5.41 -10.63
N THR A 93 15.19 -6.11 -10.43
CA THR A 93 15.22 -7.46 -9.98
C THR A 93 15.21 -7.64 -8.45
N ALA A 94 15.02 -6.54 -7.73
CA ALA A 94 15.00 -6.61 -6.27
C ALA A 94 13.96 -7.57 -5.73
N SER A 95 14.31 -8.29 -4.67
CA SER A 95 13.37 -9.12 -4.01
C SER A 95 12.45 -8.33 -3.09
N MET A 96 11.42 -9.02 -2.59
N MET A 96 11.28 -8.90 -2.75
CA MET A 96 10.50 -8.36 -1.67
CA MET A 96 10.45 -8.24 -1.72
C MET A 96 11.24 -8.06 -0.41
C MET A 96 11.22 -8.09 -0.33
N ARG A 97 12.10 -8.98 0.07
CA ARG A 97 12.84 -8.73 1.25
C ARG A 97 13.65 -7.42 1.11
N GLU A 98 14.31 -7.22 -0.06
CA GLU A 98 15.08 -6.05 -0.29
C GLU A 98 14.24 -4.77 -0.32
N ILE A 99 13.08 -4.84 -0.95
CA ILE A 99 12.17 -3.70 -0.95
C ILE A 99 11.70 -3.34 0.43
N LEU A 100 11.30 -4.34 1.22
CA LEU A 100 10.82 -4.07 2.59
C LEU A 100 11.95 -3.58 3.50
N ASP A 101 13.15 -4.16 3.33
CA ASP A 101 14.30 -3.63 4.07
C ASP A 101 14.56 -2.20 3.72
N LYS A 102 14.45 -1.81 2.47
CA LYS A 102 14.64 -0.41 2.11
C LYS A 102 13.63 0.46 2.79
N MET A 103 12.35 0.02 2.78
CA MET A 103 11.28 0.78 3.45
C MET A 103 11.48 0.86 4.94
N LEU A 104 12.13 -0.07 5.59
CA LEU A 104 12.39 -0.05 7.00
C LEU A 104 13.70 0.67 7.35
N SER A 105 14.52 0.92 6.41
CA SER A 105 15.91 1.36 6.71
C SER A 105 15.91 2.65 7.44
N ALA A 106 15.00 3.57 7.23
CA ALA A 106 14.96 4.85 7.90
C ALA A 106 14.54 4.78 9.32
N SER A 107 14.02 3.66 9.79
N SER A 107 13.99 3.69 9.81
CA SER A 107 13.57 3.54 11.13
CA SER A 107 13.42 3.62 11.14
C SER A 107 14.75 3.65 12.12
C SER A 107 14.44 4.02 12.22
N ASP A 108 15.95 3.37 11.67
N ASP A 108 15.59 3.41 12.09
CA ASP A 108 16.99 3.64 12.71
CA ASP A 108 16.84 3.58 12.88
C ASP A 108 18.01 4.58 12.17
C ASP A 108 17.71 4.86 12.66
N MET A 109 17.45 5.65 11.60
CA MET A 109 18.28 6.71 11.09
C MET A 109 17.70 8.00 11.57
N PRO A 110 18.53 9.07 11.71
CA PRO A 110 18.01 10.39 11.95
C PRO A 110 17.18 10.82 10.72
N PRO A 111 16.05 11.46 10.99
CA PRO A 111 15.30 12.04 9.82
C PRO A 111 16.15 12.98 9.01
N ILE A 112 15.92 13.19 7.77
CA ILE A 112 16.50 14.21 6.96
C ILE A 112 15.40 15.15 6.58
N PRO A 113 15.20 16.27 7.25
CA PRO A 113 14.02 17.11 6.99
C PRO A 113 14.03 17.68 5.60
N PRO A 114 12.87 18.05 5.05
CA PRO A 114 12.77 18.52 3.75
C PRO A 114 13.39 19.94 3.57
N THR A 115 13.65 20.27 2.39
CA THR A 115 14.23 21.59 1.97
C THR A 115 13.15 22.36 1.29
N ILE A 116 12.91 23.65 1.66
CA ILE A 116 11.95 24.50 1.02
C ILE A 116 12.53 25.16 -0.13
N VAL A 117 12.00 25.15 -1.28
CA VAL A 117 12.39 25.83 -2.49
C VAL A 117 11.29 26.75 -2.91
N PRO A 118 11.65 27.84 -3.70
CA PRO A 118 10.63 28.87 -3.99
C PRO A 118 9.59 28.50 -5.01
N THR A 119 9.91 27.57 -5.90
CA THR A 119 8.97 27.15 -6.94
C THR A 119 9.33 25.74 -7.43
N GLY A 120 8.44 25.25 -8.25
CA GLY A 120 8.70 23.98 -8.93
C GLY A 120 7.70 23.73 -10.01
N PRO A 121 7.83 22.58 -10.69
CA PRO A 121 6.91 22.29 -11.73
C PRO A 121 5.40 22.27 -11.37
N CYS A 122 5.09 21.92 -10.12
CA CYS A 122 3.71 21.91 -9.69
C CYS A 122 3.06 23.27 -9.71
N LYS A 123 3.85 24.34 -9.96
CA LYS A 123 3.34 25.72 -10.04
C LYS A 123 3.23 26.14 -11.45
N GLU A 124 3.39 25.33 -12.44
CA GLU A 124 3.29 25.76 -13.87
C GLU A 124 1.98 26.24 -14.19
N ASN A 125 0.87 25.83 -13.62
CA ASN A 125 -0.46 26.24 -13.89
C ASN A 125 -1.22 26.34 -12.65
N SER A 126 -2.20 27.21 -12.56
CA SER A 126 -3.02 27.31 -11.46
C SER A 126 -4.47 27.62 -11.81
N LEU A 127 -5.41 27.23 -10.98
CA LEU A 127 -6.85 27.54 -11.13
C LEU A 127 -7.33 27.95 -9.78
N ASP A 128 -7.87 29.19 -9.66
CA ASP A 128 -8.50 29.59 -8.46
C ASP A 128 -9.91 29.08 -8.33
N ASP A 129 -10.47 29.55 -7.21
N ASP A 129 -10.59 29.39 -7.20
CA ASP A 129 -11.75 29.17 -6.79
CA ASP A 129 -12.02 29.02 -6.95
C ASP A 129 -12.96 29.61 -7.70
C ASP A 129 -13.00 29.33 -8.09
N SER A 130 -12.72 30.40 -8.77
CA SER A 130 -13.68 30.79 -9.86
C SER A 130 -13.42 30.11 -11.19
N GLU A 131 -12.34 29.28 -11.27
CA GLU A 131 -11.82 28.78 -12.53
C GLU A 131 -11.80 27.27 -12.69
N PHE A 132 -11.96 26.52 -11.58
CA PHE A 132 -12.19 25.07 -11.72
C PHE A 132 -13.56 24.63 -11.30
N ASP A 133 -13.89 23.41 -11.73
CA ASP A 133 -15.03 22.71 -11.28
C ASP A 133 -14.66 21.24 -11.33
N LEU A 134 -14.65 20.60 -10.14
CA LEU A 134 -14.20 19.17 -10.08
C LEU A 134 -15.06 18.26 -10.83
N THR A 135 -16.38 18.64 -11.07
CA THR A 135 -17.26 17.81 -11.85
C THR A 135 -17.00 17.95 -13.38
N GLU A 136 -16.18 18.86 -13.80
CA GLU A 136 -15.92 19.05 -15.19
C GLU A 136 -14.56 18.43 -15.57
N LEU A 137 -13.77 17.96 -14.61
CA LEU A 137 -12.55 17.31 -14.89
C LEU A 137 -12.76 15.83 -15.28
N PRO A 138 -11.84 15.19 -15.91
CA PRO A 138 -12.02 13.80 -16.36
C PRO A 138 -11.69 12.75 -15.25
N VAL A 139 -12.35 12.96 -14.14
CA VAL A 139 -12.19 12.11 -13.01
C VAL A 139 -12.73 10.72 -13.32
N PRO A 140 -12.09 9.61 -13.06
CA PRO A 140 -12.60 8.35 -13.48
C PRO A 140 -13.72 7.83 -12.62
N LEU A 141 -14.65 7.13 -13.31
CA LEU A 141 -15.54 6.13 -12.59
C LEU A 141 -14.75 4.84 -12.72
N ILE A 142 -14.33 4.30 -11.57
CA ILE A 142 -13.39 3.15 -11.54
C ILE A 142 -14.11 1.81 -11.59
N HIS A 143 -15.27 1.69 -10.96
CA HIS A 143 -16.04 0.46 -10.95
C HIS A 143 -17.50 0.87 -11.21
N LYS A 144 -18.19 -0.02 -11.96
N LYS A 144 -18.30 0.07 -11.90
CA LYS A 144 -19.53 0.35 -12.47
CA LYS A 144 -19.64 0.67 -12.32
C LYS A 144 -20.54 0.77 -11.36
C LYS A 144 -20.58 0.94 -11.22
N SER A 145 -20.43 0.23 -10.10
CA SER A 145 -21.30 0.52 -9.03
C SER A 145 -20.77 1.53 -8.01
N ASP A 146 -19.59 2.15 -8.29
CA ASP A 146 -19.07 3.12 -7.34
C ASP A 146 -20.05 4.27 -7.07
N GLY A 147 -20.00 4.79 -5.89
CA GLY A 147 -20.89 5.88 -5.49
C GLY A 147 -20.40 7.22 -5.87
N GLY A 148 -19.30 7.37 -6.63
CA GLY A 148 -18.79 8.65 -7.05
C GLY A 148 -17.59 8.39 -7.96
N LYS A 149 -17.06 9.47 -8.42
N LYS A 149 -17.12 9.48 -8.54
CA LYS A 149 -15.87 9.38 -9.26
CA LYS A 149 -15.88 9.58 -9.35
C LYS A 149 -14.67 9.65 -8.40
C LYS A 149 -14.69 9.67 -8.36
N TYR A 150 -13.89 8.59 -8.27
CA TYR A 150 -12.78 8.54 -7.26
C TYR A 150 -11.53 9.17 -7.85
N ILE A 151 -11.43 10.48 -7.68
CA ILE A 151 -10.26 11.24 -8.04
C ILE A 151 -9.04 10.77 -7.29
N GLN A 152 -9.22 10.33 -6.07
CA GLN A 152 -8.09 10.06 -5.17
C GLN A 152 -7.98 8.61 -4.86
N THR A 153 -7.07 7.96 -5.60
CA THR A 153 -6.67 6.59 -5.39
C THR A 153 -5.14 6.45 -5.26
N TYR A 154 -4.37 7.47 -5.60
CA TYR A 154 -2.88 7.27 -5.53
C TYR A 154 -2.21 8.61 -5.27
N GLY A 155 -2.89 9.59 -4.73
CA GLY A 155 -2.30 10.81 -4.21
C GLY A 155 -2.08 10.74 -2.74
N MET A 156 -1.39 11.75 -2.24
CA MET A 156 -0.99 11.86 -0.87
C MET A 156 -1.69 13.01 -0.16
N HIS A 157 -2.45 12.70 0.84
CA HIS A 157 -3.03 13.73 1.73
C HIS A 157 -1.97 14.24 2.65
N ILE A 158 -1.95 15.55 2.82
CA ILE A 158 -0.99 16.26 3.70
C ILE A 158 -1.79 17.01 4.79
N VAL A 159 -1.60 16.65 6.04
CA VAL A 159 -2.21 17.38 7.16
C VAL A 159 -1.19 17.45 8.22
N GLN A 160 -1.28 18.48 9.08
CA GLN A 160 -0.30 18.78 10.16
C GLN A 160 -0.98 18.91 11.50
N SER A 161 -0.39 18.43 12.53
CA SER A 161 -0.94 18.61 13.88
C SER A 161 -1.08 20.13 14.19
N PRO A 162 -2.06 20.46 15.05
CA PRO A 162 -2.24 21.92 15.39
C PRO A 162 -0.94 22.57 15.90
N ASP A 163 -0.13 21.85 16.63
CA ASP A 163 1.12 22.39 17.17
C ASP A 163 2.23 22.44 16.20
N GLY A 164 2.06 22.01 14.94
CA GLY A 164 3.06 22.11 13.94
C GLY A 164 4.10 21.02 13.97
N THR A 165 4.15 20.20 14.90
CA THR A 165 5.27 19.28 15.14
C THR A 165 5.26 18.02 14.29
N TRP A 166 4.09 17.66 13.73
CA TRP A 166 3.95 16.39 12.92
C TRP A 166 3.22 16.74 11.70
N THR A 167 3.84 16.45 10.54
CA THR A 167 3.15 16.57 9.24
C THR A 167 3.03 15.15 8.65
N ASN A 168 1.80 14.69 8.45
CA ASN A 168 1.58 13.34 7.99
C ASN A 168 1.25 13.35 6.52
N TRP A 169 1.82 12.33 5.81
CA TRP A 169 1.51 12.01 4.42
C TRP A 169 0.93 10.59 4.36
N SER A 170 -0.26 10.49 3.72
CA SER A 170 -0.95 9.16 3.68
C SER A 170 -1.86 9.10 2.48
N ILE A 171 -2.11 7.88 2.00
N ILE A 171 -2.42 7.88 2.29
CA ILE A 171 -3.14 7.63 1.01
CA ILE A 171 -3.26 7.55 1.04
C ILE A 171 -4.42 7.21 1.78
C ILE A 171 -4.76 7.13 1.13
N ALA A 172 -5.52 7.94 1.52
CA ALA A 172 -6.93 7.56 1.91
C ALA A 172 -7.76 7.92 0.72
N ARG A 173 -8.76 7.12 0.40
CA ARG A 173 -9.55 7.33 -0.79
C ARG A 173 -10.39 8.63 -0.68
N ALA A 174 -10.69 9.21 -1.84
CA ALA A 174 -11.66 10.32 -1.87
C ALA A 174 -12.24 10.38 -3.23
N MET A 175 -13.53 10.89 -3.26
CA MET A 175 -14.32 11.03 -4.47
C MET A 175 -14.88 12.47 -4.54
N VAL A 176 -15.21 12.85 -5.78
CA VAL A 176 -15.82 14.18 -5.99
C VAL A 176 -17.24 14.25 -5.45
N HIS A 177 -17.52 15.24 -4.62
CA HIS A 177 -18.84 15.57 -4.06
C HIS A 177 -19.52 16.63 -4.90
N ASP A 178 -18.86 17.68 -5.23
CA ASP A 178 -19.46 18.74 -6.06
C ASP A 178 -18.40 19.56 -6.60
N LYS A 179 -18.65 20.74 -7.21
CA LYS A 179 -17.64 21.48 -7.90
C LYS A 179 -16.37 21.79 -7.09
N ASN A 180 -16.51 21.89 -5.80
CA ASN A 180 -15.38 22.28 -4.96
C ASN A 180 -15.23 21.49 -3.68
N HIS A 181 -15.79 20.28 -3.65
CA HIS A 181 -15.60 19.43 -2.51
C HIS A 181 -15.37 17.98 -2.93
N LEU A 182 -14.65 17.29 -2.00
CA LEU A 182 -14.53 15.85 -2.02
C LEU A 182 -15.14 15.25 -0.80
N THR A 183 -15.53 13.99 -0.84
CA THR A 183 -15.72 13.24 0.36
C THR A 183 -14.79 12.03 0.41
N GLY A 184 -14.47 11.57 1.55
CA GLY A 184 -13.53 10.42 1.62
C GLY A 184 -13.57 9.75 2.94
N LEU A 185 -12.83 8.65 3.09
N LEU A 185 -12.80 8.70 3.06
CA LEU A 185 -12.62 7.97 4.38
CA LEU A 185 -12.82 7.82 4.16
C LEU A 185 -11.58 8.61 5.24
C LEU A 185 -11.72 8.31 5.18
N VAL A 186 -12.05 8.86 6.42
CA VAL A 186 -11.16 9.32 7.46
C VAL A 186 -11.48 8.55 8.72
N ILE A 187 -10.82 7.43 9.01
CA ILE A 187 -11.28 6.48 10.00
C ILE A 187 -10.17 6.11 10.94
N PRO A 188 -10.48 5.76 12.21
CA PRO A 188 -9.46 5.33 13.13
C PRO A 188 -8.90 4.01 12.71
N PRO A 189 -7.64 3.69 12.96
CA PRO A 189 -6.65 4.48 13.72
C PRO A 189 -5.75 5.29 12.79
N GLN A 190 -6.18 5.59 11.60
CA GLN A 190 -5.30 6.20 10.61
C GLN A 190 -4.78 7.52 11.01
N HIS A 191 -3.60 7.92 10.59
CA HIS A 191 -3.04 9.19 11.04
C HIS A 191 -3.81 10.37 10.55
N ILE A 192 -4.44 10.36 9.40
CA ILE A 192 -5.28 11.51 8.99
C ILE A 192 -6.41 11.63 9.98
N TRP A 193 -6.96 10.56 10.47
CA TRP A 193 -8.00 10.61 11.49
C TRP A 193 -7.42 11.08 12.82
N GLN A 194 -6.28 10.63 13.25
CA GLN A 194 -5.70 11.10 14.50
C GLN A 194 -5.46 12.57 14.48
N ILE A 195 -4.97 13.12 13.41
CA ILE A 195 -4.76 14.55 13.28
C ILE A 195 -6.05 15.26 13.19
N HIS A 196 -7.02 14.87 12.37
N HIS A 196 -7.06 14.71 12.52
CA HIS A 196 -8.31 15.45 12.41
CA HIS A 196 -8.40 15.33 12.41
C HIS A 196 -8.84 15.53 13.88
C HIS A 196 -8.96 15.49 13.78
N GLN A 197 -8.77 14.51 14.65
CA GLN A 197 -9.32 14.55 16.03
C GLN A 197 -8.60 15.64 16.80
N MET A 198 -7.32 15.88 16.62
CA MET A 198 -6.67 16.96 17.35
C MET A 198 -7.27 18.29 16.94
N TRP A 199 -7.54 18.58 15.71
CA TRP A 199 -8.18 19.82 15.27
C TRP A 199 -9.62 19.86 15.80
N LYS A 200 -10.27 18.76 15.99
N LYS A 200 -10.40 18.86 15.62
CA LYS A 200 -11.70 18.87 16.38
CA LYS A 200 -11.71 18.77 16.29
C LYS A 200 -11.69 19.15 17.88
C LYS A 200 -11.69 19.22 17.69
N LYS A 201 -10.82 18.65 18.60
CA LYS A 201 -10.76 18.96 20.02
C LYS A 201 -10.37 20.41 20.20
N GLU A 202 -9.52 20.99 19.43
CA GLU A 202 -9.23 22.40 19.52
C GLU A 202 -10.41 23.21 19.17
N GLY A 203 -11.23 22.78 18.23
CA GLY A 203 -12.50 23.40 17.88
C GLY A 203 -12.55 24.65 17.20
N ARG A 204 -11.46 25.27 16.77
CA ARG A 204 -11.42 26.62 16.23
C ARG A 204 -11.51 26.72 14.73
N SER A 205 -10.89 25.79 13.98
N SER A 205 -11.02 25.67 14.02
CA SER A 205 -10.99 25.83 12.52
CA SER A 205 -10.60 25.77 12.60
C SER A 205 -10.89 24.47 11.89
C SER A 205 -10.83 24.42 11.89
N ASP A 206 -11.29 24.51 10.64
CA ASP A 206 -11.14 23.29 9.74
C ASP A 206 -9.63 23.05 9.61
N VAL A 207 -9.30 21.83 9.13
CA VAL A 207 -7.91 21.39 9.07
C VAL A 207 -7.28 21.89 7.82
N PRO A 208 -6.21 22.69 7.82
CA PRO A 208 -5.55 23.01 6.60
C PRO A 208 -5.10 21.69 5.88
N TRP A 209 -5.28 21.65 4.60
CA TRP A 209 -5.09 20.35 3.88
C TRP A 209 -4.57 20.58 2.55
N ALA A 210 -3.77 19.62 2.01
CA ALA A 210 -3.44 19.56 0.60
C ALA A 210 -3.48 18.07 0.16
N LEU A 211 -3.72 17.87 -1.09
CA LEU A 211 -3.69 16.52 -1.71
C LEU A 211 -2.89 16.63 -2.93
N ALA A 212 -1.72 15.95 -2.96
CA ALA A 212 -0.80 16.00 -4.05
C ALA A 212 -0.77 14.68 -4.83
N PHE A 213 -0.98 14.75 -6.10
CA PHE A 213 -1.00 13.58 -7.00
C PHE A 213 0.27 13.54 -7.78
N GLY A 214 0.77 12.35 -8.12
CA GLY A 214 2.02 12.29 -8.87
C GLY A 214 3.15 12.85 -8.07
N VAL A 215 3.28 12.43 -6.83
CA VAL A 215 4.36 12.84 -5.94
C VAL A 215 5.58 11.96 -6.23
N PRO A 216 6.72 12.33 -5.62
CA PRO A 216 7.90 11.46 -5.72
C PRO A 216 7.53 10.04 -5.37
N PRO A 217 7.90 9.04 -6.17
CA PRO A 217 7.55 7.70 -5.85
C PRO A 217 7.98 7.23 -4.49
N ALA A 218 9.17 7.65 -4.00
CA ALA A 218 9.54 7.19 -2.69
C ALA A 218 8.58 7.73 -1.62
N ALA A 219 8.08 8.92 -1.82
CA ALA A 219 7.08 9.52 -0.94
C ALA A 219 5.74 8.79 -0.95
N ILE A 220 5.25 8.31 -2.09
CA ILE A 220 3.97 7.59 -2.09
C ILE A 220 4.10 6.28 -1.43
N MET A 221 5.31 5.65 -1.51
N MET A 221 5.32 5.66 -1.46
CA MET A 221 5.57 4.42 -0.75
CA MET A 221 5.49 4.40 -0.74
C MET A 221 5.43 4.64 0.75
C MET A 221 5.45 4.63 0.78
N ALA A 222 6.14 5.67 1.27
CA ALA A 222 6.02 5.95 2.70
C ALA A 222 4.59 6.37 3.07
N SER A 223 3.90 7.04 2.16
CA SER A 223 2.51 7.41 2.43
C SER A 223 1.65 6.22 2.67
N SER A 224 1.93 5.05 2.08
N SER A 224 1.95 5.07 2.09
CA SER A 224 1.17 3.80 2.22
CA SER A 224 1.23 3.85 2.26
C SER A 224 1.64 2.90 3.32
C SER A 224 1.64 3.00 3.46
N MET A 225 2.68 3.34 4.07
CA MET A 225 3.28 2.54 5.13
C MET A 225 2.88 3.05 6.52
N PRO A 226 2.61 2.18 7.44
CA PRO A 226 2.20 2.66 8.83
C PRO A 226 3.46 2.92 9.69
N ILE A 227 4.24 3.89 9.29
CA ILE A 227 5.35 4.34 10.16
C ILE A 227 4.77 4.91 11.44
N PRO A 228 5.56 5.07 12.49
CA PRO A 228 4.95 5.39 13.81
C PRO A 228 4.25 6.72 13.90
N ASP A 229 3.33 6.73 14.91
CA ASP A 229 2.65 7.94 15.31
C ASP A 229 3.66 9.07 15.54
N GLY A 230 3.36 10.25 15.08
CA GLY A 230 4.16 11.42 15.34
C GLY A 230 5.34 11.55 14.45
N VAL A 231 5.60 10.62 13.50
CA VAL A 231 6.77 10.69 12.65
C VAL A 231 6.38 11.32 11.33
N THR A 232 7.03 12.41 10.94
CA THR A 232 6.77 13.09 9.73
C THR A 232 7.32 12.31 8.57
N GLU A 233 6.46 11.88 7.65
CA GLU A 233 6.90 11.01 6.52
C GLU A 233 7.97 11.71 5.73
N ALA A 234 7.93 13.03 5.51
CA ALA A 234 8.96 13.65 4.65
C ALA A 234 10.37 13.37 5.15
N GLY A 235 10.59 13.44 6.44
CA GLY A 235 11.93 13.20 7.01
C GLY A 235 12.33 11.75 6.99
N TYR A 236 11.35 10.83 7.04
CA TYR A 236 11.61 9.38 6.90
C TYR A 236 12.00 9.10 5.50
N VAL A 237 11.32 9.63 4.50
CA VAL A 237 11.70 9.47 3.11
C VAL A 237 13.03 10.07 2.85
N GLY A 238 13.30 11.26 3.40
CA GLY A 238 14.64 11.84 3.29
C GLY A 238 15.71 10.88 3.79
N ALA A 239 15.54 10.32 4.95
CA ALA A 239 16.53 9.37 5.48
C ALA A 239 16.65 8.17 4.62
N MET A 240 15.55 7.65 4.03
N MET A 240 15.54 7.47 4.30
CA MET A 240 15.54 6.41 3.31
CA MET A 240 15.56 6.37 3.33
C MET A 240 16.27 6.61 2.06
C MET A 240 16.27 6.64 2.02
N THR A 241 16.09 7.75 1.38
CA THR A 241 16.68 8.03 0.10
C THR A 241 18.07 8.68 0.24
N GLY A 242 18.42 9.12 1.39
CA GLY A 242 19.70 9.82 1.60
C GLY A 242 19.65 11.19 1.16
N SER A 243 18.55 11.82 0.82
CA SER A 243 18.43 13.17 0.26
C SER A 243 17.30 13.89 0.84
N SER A 244 17.40 15.16 1.14
CA SER A 244 16.32 15.98 1.58
C SER A 244 15.33 16.25 0.45
N LEU A 245 14.02 15.99 0.69
CA LEU A 245 13.04 16.25 -0.36
C LEU A 245 12.80 17.73 -0.54
N GLU A 246 12.68 18.17 -1.76
CA GLU A 246 12.36 19.59 -2.08
C GLU A 246 10.88 19.84 -2.05
N LEU A 247 10.41 20.72 -1.26
CA LEU A 247 8.99 21.04 -1.15
C LEU A 247 8.74 22.51 -1.45
N VAL A 248 7.65 22.85 -2.14
N VAL A 248 7.52 22.89 -1.68
CA VAL A 248 7.15 24.26 -2.29
CA VAL A 248 7.21 24.28 -1.98
C VAL A 248 5.98 24.52 -1.31
C VAL A 248 5.93 24.56 -1.38
N LYS A 249 5.79 25.79 -0.88
CA LYS A 249 4.61 26.13 -0.12
C LYS A 249 3.38 26.18 -1.00
N CYS A 250 2.24 25.73 -0.43
CA CYS A 250 0.98 25.95 -1.06
C CYS A 250 0.73 27.49 -1.23
N ASP A 251 -0.10 27.83 -2.14
CA ASP A 251 -0.43 29.26 -2.33
C ASP A 251 -1.43 29.74 -1.34
N THR A 252 -2.39 28.95 -0.89
CA THR A 252 -3.49 29.37 -0.10
C THR A 252 -3.39 28.93 1.34
N ASN A 253 -2.36 28.12 1.73
CA ASN A 253 -2.13 27.78 3.09
C ASN A 253 -0.61 27.59 3.28
N ASP A 254 -0.20 27.26 4.48
CA ASP A 254 1.16 27.17 4.82
C ASP A 254 1.72 25.71 4.86
N LEU A 255 1.01 24.77 4.24
CA LEU A 255 1.55 23.43 4.02
C LEU A 255 2.49 23.44 2.87
N TYR A 256 3.34 22.41 2.81
CA TYR A 256 4.37 22.24 1.80
C TYR A 256 4.16 20.97 0.95
N VAL A 257 4.24 21.06 -0.31
CA VAL A 257 3.99 19.95 -1.21
C VAL A 257 5.23 19.64 -1.97
N PRO A 258 5.45 18.39 -2.46
CA PRO A 258 6.60 18.12 -3.29
C PRO A 258 6.65 19.01 -4.47
N ALA A 259 7.86 19.57 -4.77
CA ALA A 259 8.01 20.53 -5.88
C ALA A 259 7.57 20.04 -7.22
N THR A 260 7.77 18.73 -7.49
CA THR A 260 7.47 18.12 -8.75
C THR A 260 6.10 17.40 -8.78
N SER A 261 5.25 17.67 -7.81
CA SER A 261 3.90 17.08 -7.80
C SER A 261 3.25 17.36 -9.15
N GLU A 262 2.54 16.39 -9.72
CA GLU A 262 1.81 16.59 -10.96
C GLU A 262 0.59 17.52 -10.80
N ILE A 263 -0.17 17.30 -9.74
CA ILE A 263 -1.40 18.04 -9.47
C ILE A 263 -1.51 18.26 -8.02
N VAL A 264 -1.86 19.43 -7.53
CA VAL A 264 -2.07 19.71 -6.14
C VAL A 264 -3.43 20.35 -5.90
N LEU A 265 -4.18 19.79 -4.98
CA LEU A 265 -5.40 20.46 -4.45
C LEU A 265 -5.04 21.05 -3.15
N GLU A 266 -5.46 22.33 -2.90
CA GLU A 266 -5.29 22.99 -1.62
C GLU A 266 -6.63 23.28 -0.96
N GLY A 267 -6.80 23.11 0.28
CA GLY A 267 -8.09 23.51 0.90
C GLY A 267 -8.14 23.10 2.35
N THR A 268 -9.31 22.60 2.77
CA THR A 268 -9.53 22.28 4.15
C THR A 268 -10.28 20.96 4.30
N LEU A 269 -10.01 20.26 5.35
CA LEU A 269 -10.73 19.08 5.74
C LEU A 269 -11.66 19.54 6.92
N SER A 270 -12.97 19.35 6.76
CA SER A 270 -13.91 19.96 7.76
C SER A 270 -13.79 19.23 8.99
N ILE A 271 -13.89 19.99 10.15
CA ILE A 271 -14.06 19.45 11.47
C ILE A 271 -15.54 19.25 11.88
N SER A 272 -16.43 19.68 10.99
CA SER A 272 -17.90 19.62 11.30
C SER A 272 -18.73 18.91 10.23
N GLU A 273 -18.43 19.03 8.96
CA GLU A 273 -19.33 18.58 7.89
C GLU A 273 -18.98 17.24 7.36
N THR A 274 -19.96 16.53 6.87
CA THR A 274 -19.80 15.24 6.21
C THR A 274 -20.59 15.26 4.97
N GLY A 275 -20.41 14.24 4.13
CA GLY A 275 -21.19 14.04 2.96
C GLY A 275 -21.17 12.61 2.48
N PRO A 276 -22.06 12.23 1.60
CA PRO A 276 -22.12 10.84 1.14
C PRO A 276 -20.80 10.39 0.52
N GLU A 277 -20.43 9.21 0.87
CA GLU A 277 -19.15 8.60 0.38
C GLU A 277 -19.33 7.15 0.15
N GLY A 278 -18.77 6.65 -0.96
CA GLY A 278 -18.86 5.29 -1.27
C GLY A 278 -20.23 4.91 -1.89
N PRO A 279 -20.40 3.66 -2.22
CA PRO A 279 -19.44 2.60 -2.06
C PRO A 279 -18.28 2.67 -3.10
N PHE A 280 -17.28 1.84 -2.83
CA PHE A 280 -16.10 1.83 -3.68
C PHE A 280 -15.61 0.40 -3.88
N GLY A 281 -15.31 -0.04 -5.03
CA GLY A 281 -14.65 -1.36 -5.24
C GLY A 281 -13.33 -1.39 -4.63
N GLN A 282 -13.11 -2.31 -3.71
CA GLN A 282 -12.02 -2.17 -2.72
C GLN A 282 -11.12 -3.31 -2.69
N MET A 283 -10.08 -3.23 -1.81
CA MET A 283 -8.90 -4.07 -1.85
C MET A 283 -9.15 -5.59 -1.67
N HIS A 284 -10.27 -5.93 -1.02
CA HIS A 284 -10.61 -7.34 -0.80
C HIS A 284 -11.35 -7.93 -1.98
N GLY A 285 -11.69 -7.12 -2.99
CA GLY A 285 -12.31 -7.59 -4.20
C GLY A 285 -13.79 -7.39 -4.29
N TYR A 286 -14.37 -6.49 -3.54
CA TYR A 286 -15.85 -6.39 -3.47
C TYR A 286 -16.31 -4.98 -3.61
N ILE A 287 -17.55 -4.81 -4.07
CA ILE A 287 -18.31 -3.60 -3.87
C ILE A 287 -19.75 -3.99 -3.47
N PHE A 288 -20.32 -3.29 -2.52
CA PHE A 288 -21.72 -3.50 -2.05
C PHE A 288 -22.53 -2.34 -2.65
N PRO A 289 -23.17 -2.55 -3.83
N PRO A 289 -23.20 -2.56 -3.76
CA PRO A 289 -23.85 -1.40 -4.49
CA PRO A 289 -23.92 -1.41 -4.38
C PRO A 289 -24.88 -0.79 -3.57
C PRO A 289 -24.85 -0.58 -3.53
N GLY A 290 -24.89 0.55 -3.48
N GLY A 290 -25.43 -1.13 -2.45
CA GLY A 290 -25.82 1.23 -2.69
CA GLY A 290 -26.41 -0.32 -1.74
C GLY A 290 -25.38 1.50 -1.30
C GLY A 290 -25.69 0.51 -0.70
N ASP A 291 -24.33 0.82 -0.80
CA ASP A 291 -23.75 0.99 0.57
C ASP A 291 -22.99 2.29 0.67
N THR A 292 -23.76 3.35 0.67
CA THR A 292 -23.24 4.77 0.93
C THR A 292 -23.32 5.14 2.41
N HIS A 293 -22.31 5.76 2.93
CA HIS A 293 -22.29 6.21 4.29
C HIS A 293 -21.73 7.60 4.35
N LEU A 294 -21.91 8.36 5.40
CA LEU A 294 -21.35 9.70 5.58
C LEU A 294 -19.84 9.61 5.77
N GLY A 295 -19.08 10.31 4.93
CA GLY A 295 -17.62 10.41 5.10
C GLY A 295 -17.21 11.80 5.36
N ALA A 296 -15.92 12.01 5.58
CA ALA A 296 -15.31 13.28 5.73
C ALA A 296 -15.48 14.17 4.52
N LYS A 297 -15.52 15.46 4.67
CA LYS A 297 -15.71 16.39 3.60
C LYS A 297 -14.58 17.37 3.48
N TYR A 298 -14.01 17.49 2.28
CA TYR A 298 -12.91 18.35 1.96
C TYR A 298 -13.36 19.45 1.05
N LYS A 299 -12.94 20.68 1.33
CA LYS A 299 -13.14 21.81 0.46
C LYS A 299 -11.92 22.14 -0.35
N VAL A 300 -12.02 22.31 -1.63
CA VAL A 300 -10.91 22.63 -2.49
C VAL A 300 -10.93 24.11 -2.83
N ASN A 301 -9.91 24.84 -2.55
CA ASN A 301 -9.83 26.30 -2.83
C ASN A 301 -8.99 26.58 -3.98
N ARG A 302 -8.05 25.73 -4.40
CA ARG A 302 -7.08 26.00 -5.43
C ARG A 302 -6.54 24.74 -6.08
N ILE A 303 -6.27 24.74 -7.31
CA ILE A 303 -5.57 23.62 -8.01
C ILE A 303 -4.35 24.16 -8.60
N THR A 304 -3.16 23.55 -8.42
CA THR A 304 -1.99 23.87 -9.20
C THR A 304 -1.53 22.63 -9.96
N TYR A 305 -0.81 22.72 -11.04
CA TYR A 305 -0.47 21.50 -11.73
C TYR A 305 0.64 21.72 -12.71
N ARG A 306 1.35 20.70 -13.04
CA ARG A 306 2.33 20.67 -14.08
C ARG A 306 1.68 20.78 -15.44
N ASN A 307 2.43 21.38 -16.41
CA ASN A 307 2.06 21.21 -17.81
C ASN A 307 1.94 19.70 -18.14
N ASN A 308 0.93 19.37 -18.88
CA ASN A 308 0.69 18.00 -19.30
C ASN A 308 0.60 17.02 -18.06
N ALA A 309 -0.05 17.48 -17.05
CA ALA A 309 -0.17 16.73 -15.77
C ALA A 309 -0.69 15.32 -16.02
N ILE A 310 -0.11 14.44 -15.18
CA ILE A 310 -0.48 13.00 -15.15
C ILE A 310 -1.05 12.66 -13.79
N MET A 311 -2.26 12.14 -13.74
CA MET A 311 -2.90 11.58 -12.51
C MET A 311 -2.66 10.11 -12.41
N PRO A 312 -1.98 9.61 -11.38
CA PRO A 312 -1.92 8.14 -11.18
C PRO A 312 -3.25 7.65 -10.64
N MET A 313 -3.57 6.42 -10.98
CA MET A 313 -4.85 5.78 -10.61
C MET A 313 -4.62 4.32 -10.26
N SER A 314 -5.24 3.90 -9.15
CA SER A 314 -5.28 2.46 -8.78
C SER A 314 -6.71 1.95 -9.09
N SER A 315 -6.80 1.01 -10.01
CA SER A 315 -8.06 0.32 -10.31
C SER A 315 -8.11 -0.88 -9.43
N CYS A 316 -8.51 -0.69 -8.17
CA CYS A 316 -8.29 -1.71 -7.15
C CYS A 316 -9.41 -2.71 -7.08
N GLY A 317 -9.08 -3.89 -6.59
CA GLY A 317 -10.04 -4.98 -6.48
C GLY A 317 -9.39 -6.29 -6.27
N ARG A 318 -9.81 -7.33 -7.03
CA ARG A 318 -9.21 -8.60 -7.00
C ARG A 318 -7.73 -8.57 -7.46
N LEU A 319 -6.94 -9.59 -7.13
CA LEU A 319 -5.51 -9.58 -7.33
C LEU A 319 -5.11 -9.18 -8.74
N THR A 320 -4.04 -8.46 -8.99
CA THR A 320 -3.11 -7.86 -7.96
C THR A 320 -2.94 -6.40 -8.30
N ASP A 321 -3.07 -5.54 -7.30
CA ASP A 321 -2.90 -4.09 -7.52
C ASP A 321 -2.15 -3.49 -6.31
N GLU A 322 -2.12 -2.19 -6.29
CA GLU A 322 -1.41 -1.43 -5.26
C GLU A 322 -1.96 -1.70 -3.89
N THR A 323 -3.21 -2.00 -3.75
CA THR A 323 -3.80 -2.28 -2.43
C THR A 323 -3.29 -3.56 -1.92
N HIS A 324 -2.71 -4.46 -2.68
CA HIS A 324 -2.11 -5.71 -2.20
C HIS A 324 -0.62 -5.54 -2.05
N THR A 325 0.00 -5.03 -3.12
CA THR A 325 1.48 -4.95 -3.16
C THR A 325 1.95 -3.97 -2.14
N MET A 326 1.28 -2.85 -1.91
CA MET A 326 1.69 -1.79 -1.01
C MET A 326 1.08 -1.88 0.34
N ILE A 327 -0.28 -1.96 0.48
CA ILE A 327 -0.85 -1.99 1.78
C ILE A 327 -0.40 -3.18 2.56
N GLY A 328 -0.52 -4.39 1.95
CA GLY A 328 -0.18 -5.61 2.63
C GLY A 328 1.29 -5.70 2.96
N SER A 329 2.13 -5.47 1.96
CA SER A 329 3.56 -5.71 2.16
C SER A 329 4.18 -4.73 3.14
N LEU A 330 3.72 -3.47 3.06
CA LEU A 330 4.28 -2.43 3.93
C LEU A 330 3.78 -2.58 5.33
N ALA A 331 2.55 -3.04 5.55
CA ALA A 331 2.09 -3.40 6.92
C ALA A 331 2.89 -4.52 7.44
N ALA A 332 3.15 -5.56 6.60
CA ALA A 332 3.95 -6.68 7.04
C ALA A 332 5.34 -6.24 7.49
N ALA A 333 5.95 -5.35 6.73
CA ALA A 333 7.27 -4.82 7.06
C ALA A 333 7.26 -4.19 8.46
N GLU A 334 6.29 -3.29 8.68
CA GLU A 334 6.18 -2.65 9.97
C GLU A 334 5.94 -3.61 11.05
N ILE A 335 5.11 -4.64 10.86
CA ILE A 335 4.86 -5.68 11.84
C ILE A 335 6.15 -6.45 12.14
N ARG A 336 6.97 -6.76 11.17
CA ARG A 336 8.25 -7.46 11.41
C ARG A 336 9.04 -6.67 12.42
N LYS A 337 9.23 -5.38 12.13
CA LYS A 337 9.99 -4.49 13.04
C LYS A 337 9.36 -4.43 14.40
N LEU A 338 8.08 -4.24 14.51
CA LEU A 338 7.37 -4.12 15.76
C LEU A 338 7.63 -5.40 16.59
N CYS A 339 7.55 -6.60 15.96
CA CYS A 339 7.79 -7.79 16.71
C CYS A 339 9.23 -7.82 17.21
N GLN A 340 10.17 -7.52 16.39
CA GLN A 340 11.58 -7.48 16.82
C GLN A 340 11.83 -6.49 17.96
N GLN A 341 11.19 -5.35 17.97
CA GLN A 341 11.35 -4.39 18.99
C GLN A 341 10.68 -4.82 20.26
N ASN A 342 9.80 -5.78 20.27
CA ASN A 342 9.17 -6.38 21.43
C ASN A 342 9.87 -7.71 21.80
N ASP A 343 11.06 -7.93 21.33
CA ASP A 343 11.85 -9.03 21.69
C ASP A 343 11.30 -10.33 21.26
N LEU A 344 10.49 -10.37 20.15
CA LEU A 344 9.96 -11.61 19.57
C LEU A 344 10.92 -12.06 18.49
N PRO A 345 11.16 -13.34 18.32
CA PRO A 345 12.21 -13.86 17.46
C PRO A 345 11.65 -14.00 15.99
N ILE A 346 11.24 -12.92 15.42
CA ILE A 346 10.67 -12.88 14.04
C ILE A 346 11.72 -12.43 13.11
N THR A 347 12.02 -13.11 12.02
CA THR A 347 12.99 -12.73 11.04
C THR A 347 12.41 -12.04 9.85
N ASP A 348 11.18 -12.39 9.45
CA ASP A 348 10.56 -11.95 8.15
C ASP A 348 9.07 -11.95 8.36
N ALA A 349 8.39 -11.10 7.60
CA ALA A 349 6.92 -11.05 7.59
C ALA A 349 6.48 -10.67 6.18
N PHE A 350 5.37 -11.28 5.74
CA PHE A 350 4.79 -10.95 4.44
C PHE A 350 3.32 -11.20 4.50
N ALA A 351 2.51 -10.44 3.77
CA ALA A 351 1.01 -10.66 3.70
C ALA A 351 0.76 -11.46 2.45
N PRO A 352 0.46 -12.77 2.52
CA PRO A 352 0.27 -13.52 1.27
C PRO A 352 -0.80 -12.95 0.39
N PHE A 353 -0.53 -12.84 -0.91
CA PHE A 353 -1.58 -12.41 -1.82
C PHE A 353 -2.74 -13.33 -1.82
N GLU A 354 -2.52 -14.59 -1.64
CA GLU A 354 -3.60 -15.62 -1.64
C GLU A 354 -4.59 -15.37 -0.58
N SER A 355 -4.17 -14.71 0.54
CA SER A 355 -5.09 -14.34 1.64
C SER A 355 -5.81 -13.03 1.43
N GLN A 356 -5.66 -12.45 0.21
CA GLN A 356 -6.20 -11.15 -0.07
C GLN A 356 -5.63 -10.09 0.93
N VAL A 357 -4.32 -10.33 1.26
CA VAL A 357 -3.56 -9.54 2.22
C VAL A 357 -4.24 -9.36 3.50
N THR A 358 -5.05 -10.32 3.97
CA THR A 358 -5.64 -10.31 5.28
C THR A 358 -4.87 -11.12 6.28
N TRP A 359 -3.91 -11.94 5.86
CA TRP A 359 -3.01 -12.69 6.72
C TRP A 359 -1.65 -12.04 6.64
N VAL A 360 -0.86 -12.21 7.72
CA VAL A 360 0.58 -12.03 7.65
C VAL A 360 1.24 -13.29 8.18
N ALA A 361 2.20 -13.82 7.41
CA ALA A 361 3.02 -14.92 7.85
C ALA A 361 4.29 -14.37 8.49
N LEU A 362 4.59 -14.90 9.67
CA LEU A 362 5.76 -14.46 10.49
C LEU A 362 6.69 -15.61 10.56
N ARG A 363 7.88 -15.45 10.00
CA ARG A 363 8.93 -16.46 10.06
C ARG A 363 9.68 -16.34 11.39
N VAL A 364 9.77 -17.43 12.10
CA VAL A 364 10.37 -17.45 13.44
C VAL A 364 11.73 -18.06 13.37
N ASP A 365 12.69 -17.39 14.12
CA ASP A 365 14.02 -17.92 14.37
C ASP A 365 13.89 -18.95 15.50
N THR A 366 13.78 -20.23 15.09
CA THR A 366 13.43 -21.22 16.04
C THR A 366 14.57 -21.56 17.09
N GLU A 367 15.79 -21.27 16.72
CA GLU A 367 16.87 -21.39 17.77
C GLU A 367 16.56 -20.43 18.91
N LYS A 368 16.23 -19.21 18.59
CA LYS A 368 15.82 -18.26 19.61
C LYS A 368 14.57 -18.65 20.33
N LEU A 369 13.56 -19.19 19.58
CA LEU A 369 12.39 -19.65 20.25
C LEU A 369 12.70 -20.76 21.27
N ARG A 370 13.53 -21.70 20.86
CA ARG A 370 13.85 -22.79 21.77
C ARG A 370 14.45 -22.27 23.08
N ALA A 371 15.22 -21.23 22.99
CA ALA A 371 15.89 -20.67 24.23
C ALA A 371 14.91 -20.01 25.08
N MET A 372 13.71 -19.58 24.62
CA MET A 372 12.69 -19.02 25.40
C MET A 372 11.98 -19.99 26.28
N LYS A 373 12.03 -21.29 25.98
CA LYS A 373 11.44 -22.29 26.74
C LYS A 373 10.01 -22.08 27.10
N THR A 374 9.21 -21.87 25.97
CA THR A 374 7.85 -21.45 26.04
C THR A 374 6.96 -22.49 25.32
N THR A 375 5.67 -22.19 25.22
CA THR A 375 4.71 -23.08 24.59
C THR A 375 3.96 -22.33 23.54
N SER A 376 3.21 -23.11 22.71
CA SER A 376 2.40 -22.45 21.66
C SER A 376 1.41 -21.51 22.20
N GLU A 377 0.63 -21.89 23.21
N GLU A 377 0.64 -21.88 23.22
CA GLU A 377 -0.42 -21.04 23.71
CA GLU A 377 -0.39 -21.00 23.63
C GLU A 377 0.25 -19.69 24.20
C GLU A 377 0.10 -19.71 24.28
N GLY A 378 1.27 -19.80 24.98
CA GLY A 378 1.87 -18.58 25.50
C GLY A 378 2.47 -17.72 24.41
N PHE A 379 3.14 -18.34 23.45
CA PHE A 379 3.78 -17.55 22.37
C PHE A 379 2.75 -16.92 21.44
N ARG A 380 1.72 -17.68 21.09
CA ARG A 380 0.60 -17.07 20.28
C ARG A 380 0.00 -15.93 20.90
N LYS A 381 -0.29 -16.02 22.20
N LYS A 381 -0.28 -16.00 22.21
CA LYS A 381 -0.88 -14.92 22.89
CA LYS A 381 -0.84 -14.87 22.91
C LYS A 381 0.04 -13.67 22.91
C LYS A 381 0.06 -13.65 22.90
N ARG A 382 1.31 -13.90 23.13
CA ARG A 382 2.27 -12.80 23.21
C ARG A 382 2.34 -12.07 21.86
N VAL A 383 2.44 -12.87 20.77
CA VAL A 383 2.54 -12.29 19.40
C VAL A 383 1.26 -11.55 19.09
N GLY A 384 0.11 -12.13 19.32
CA GLY A 384 -1.08 -11.50 18.99
C GLY A 384 -1.32 -10.23 19.79
N ASP A 385 -0.97 -10.24 21.07
CA ASP A 385 -1.12 -9.04 21.88
C ASP A 385 -0.24 -7.91 21.33
N VAL A 386 0.96 -8.19 20.94
CA VAL A 386 1.82 -7.12 20.38
C VAL A 386 1.20 -6.62 19.11
N VAL A 387 0.84 -7.49 18.15
CA VAL A 387 0.47 -7.02 16.82
C VAL A 387 -0.92 -6.47 16.75
N PHE A 388 -1.89 -7.18 17.34
CA PHE A 388 -3.24 -6.79 17.17
C PHE A 388 -3.68 -5.60 18.03
N ASN A 389 -2.82 -5.24 19.00
CA ASN A 389 -3.03 -4.01 19.77
C ASN A 389 -2.35 -2.87 19.20
N HIS A 390 -1.67 -2.96 18.05
CA HIS A 390 -0.92 -1.86 17.44
C HIS A 390 -1.56 -1.45 16.11
N LYS A 391 -1.46 -0.21 15.75
CA LYS A 391 -1.93 0.27 14.45
C LYS A 391 -1.38 -0.51 13.28
N ALA A 392 -0.16 -0.94 13.32
CA ALA A 392 0.43 -1.67 12.19
C ALA A 392 -0.30 -2.97 11.93
N GLY A 393 -0.93 -3.55 12.95
CA GLY A 393 -1.78 -4.75 12.74
C GLY A 393 -3.16 -4.50 12.32
N TYR A 394 -3.60 -3.27 12.13
CA TYR A 394 -5.01 -2.92 11.86
C TYR A 394 -5.65 -3.79 10.76
N THR A 395 -5.02 -3.85 9.58
CA THR A 395 -5.62 -4.50 8.41
C THR A 395 -5.54 -6.01 8.46
N ILE A 396 -4.78 -6.58 9.39
CA ILE A 396 -4.44 -7.97 9.37
C ILE A 396 -5.29 -8.72 10.37
N HIS A 397 -5.98 -9.75 9.90
CA HIS A 397 -6.87 -10.55 10.77
C HIS A 397 -6.35 -11.91 11.10
N ARG A 398 -5.36 -12.44 10.45
CA ARG A 398 -4.78 -13.76 10.79
C ARG A 398 -3.29 -13.65 10.73
N LEU A 399 -2.59 -14.01 11.80
CA LEU A 399 -1.17 -14.18 11.80
C LEU A 399 -0.84 -15.63 11.73
N VAL A 400 0.08 -16.05 10.88
CA VAL A 400 0.49 -17.42 10.76
C VAL A 400 1.92 -17.52 11.16
N LEU A 401 2.23 -18.24 12.26
CA LEU A 401 3.61 -18.42 12.72
C LEU A 401 4.21 -19.63 12.02
N VAL A 402 5.38 -19.46 11.41
CA VAL A 402 6.05 -20.58 10.69
C VAL A 402 7.49 -20.63 11.06
N GLY A 403 8.08 -21.81 10.99
CA GLY A 403 9.49 -21.96 11.27
C GLY A 403 10.38 -21.65 10.13
N ASP A 404 11.69 -21.86 10.39
CA ASP A 404 12.76 -21.38 9.50
C ASP A 404 12.80 -21.96 8.16
N ASP A 405 12.18 -23.11 7.94
CA ASP A 405 12.18 -23.70 6.63
C ASP A 405 11.24 -23.04 5.65
N ILE A 406 10.34 -22.19 6.08
CA ILE A 406 9.33 -21.57 5.22
C ILE A 406 9.79 -20.21 4.75
N ASP A 407 9.71 -19.99 3.45
CA ASP A 407 9.88 -18.66 2.82
C ASP A 407 8.55 -17.95 2.83
N VAL A 408 8.36 -16.96 3.72
CA VAL A 408 7.09 -16.31 3.83
C VAL A 408 6.73 -15.48 2.65
N TYR A 409 7.70 -15.19 1.75
CA TYR A 409 7.41 -14.43 0.56
C TYR A 409 6.85 -15.32 -0.53
N GLU A 410 6.76 -16.64 -0.31
CA GLU A 410 6.16 -17.61 -1.25
C GLU A 410 4.86 -18.13 -0.71
N GLY A 411 3.76 -17.67 -1.27
CA GLY A 411 2.46 -18.02 -0.76
C GLY A 411 2.21 -19.49 -0.79
N LYS A 412 2.72 -20.25 -1.77
N LYS A 412 2.70 -20.26 -1.75
CA LYS A 412 2.54 -21.68 -1.80
CA LYS A 412 2.42 -21.67 -1.71
C LYS A 412 3.00 -22.29 -0.56
C LYS A 412 3.09 -22.41 -0.55
N ASP A 413 4.19 -21.88 -0.08
CA ASP A 413 4.86 -22.45 1.09
C ASP A 413 4.14 -22.08 2.38
N VAL A 414 3.63 -20.86 2.46
CA VAL A 414 2.82 -20.45 3.60
C VAL A 414 1.57 -21.31 3.66
N LEU A 415 0.92 -21.52 2.51
N LEU A 415 0.84 -21.47 2.55
CA LEU A 415 -0.33 -22.25 2.52
CA LEU A 415 -0.36 -22.34 2.61
C LEU A 415 -0.09 -23.67 2.93
C LEU A 415 -0.04 -23.82 2.95
N TRP A 416 1.04 -24.29 2.45
CA TRP A 416 1.46 -25.64 2.81
C TRP A 416 1.65 -25.74 4.31
N ALA A 417 2.39 -24.80 4.90
CA ALA A 417 2.65 -24.86 6.34
C ALA A 417 1.37 -24.68 7.13
N PHE A 418 0.55 -23.71 6.77
CA PHE A 418 -0.70 -23.47 7.49
C PHE A 418 -1.55 -24.67 7.50
N SER A 419 -1.62 -25.39 6.34
N SER A 419 -1.82 -25.23 6.29
CA SER A 419 -2.60 -26.44 6.16
CA SER A 419 -2.71 -26.34 6.17
C SER A 419 -2.17 -27.71 6.81
C SER A 419 -2.20 -27.66 6.79
N THR A 420 -0.90 -27.86 7.04
CA THR A 420 -0.37 -29.12 7.52
C THR A 420 0.21 -29.09 8.94
N ARG A 421 0.46 -27.87 9.47
CA ARG A 421 1.14 -27.72 10.76
C ARG A 421 0.29 -27.07 11.82
N CYS A 422 -0.82 -26.42 11.48
CA CYS A 422 -1.69 -25.74 12.44
C CYS A 422 -2.98 -26.49 12.61
N ARG A 423 -3.16 -27.16 13.75
CA ARG A 423 -4.44 -27.83 14.05
C ARG A 423 -5.51 -26.86 14.30
N PRO A 424 -6.60 -26.85 13.52
CA PRO A 424 -7.67 -25.90 13.75
C PRO A 424 -8.12 -25.92 15.18
N GLY A 425 -8.35 -24.74 15.74
CA GLY A 425 -8.85 -24.62 17.15
C GLY A 425 -7.70 -24.73 18.11
N MET A 426 -7.18 -25.91 18.34
CA MET A 426 -6.16 -26.13 19.36
C MET A 426 -4.92 -25.31 19.20
N ASP A 427 -4.46 -25.13 17.94
CA ASP A 427 -3.25 -24.43 17.68
C ASP A 427 -3.49 -22.96 17.34
N GLU A 428 -4.60 -22.43 17.74
CA GLU A 428 -4.99 -21.06 17.38
C GLU A 428 -5.49 -20.31 18.61
N THR A 429 -5.32 -19.00 18.62
CA THR A 429 -5.94 -18.16 19.67
C THR A 429 -6.71 -17.10 19.00
N LEU A 430 -7.97 -16.96 19.31
CA LEU A 430 -8.87 -15.94 18.81
C LEU A 430 -8.79 -14.67 19.62
N PHE A 431 -8.89 -13.52 19.03
CA PHE A 431 -8.82 -12.25 19.64
C PHE A 431 -10.05 -11.47 19.31
N GLU A 432 -11.01 -11.33 20.25
CA GLU A 432 -12.24 -10.65 20.04
C GLU A 432 -12.20 -9.20 20.56
N ASP A 433 -11.26 -8.86 21.36
CA ASP A 433 -11.26 -7.54 22.01
C ASP A 433 -10.06 -6.72 21.54
N VAL A 434 -9.96 -6.66 20.20
CA VAL A 434 -9.03 -5.84 19.44
C VAL A 434 -9.78 -5.11 18.36
N ARG A 435 -9.19 -4.02 17.84
CA ARG A 435 -9.77 -3.35 16.76
C ARG A 435 -9.84 -4.22 15.48
N GLY A 436 -10.93 -4.29 14.83
CA GLY A 436 -11.09 -5.00 13.57
C GLY A 436 -11.06 -4.08 12.38
N PHE A 437 -10.81 -4.62 11.19
CA PHE A 437 -10.78 -3.87 9.95
C PHE A 437 -12.11 -3.98 9.26
N PRO A 438 -12.95 -2.91 9.32
CA PRO A 438 -14.35 -3.10 8.84
C PRO A 438 -14.47 -3.30 7.42
N LEU A 439 -13.47 -2.95 6.58
N LEU A 439 -13.46 -2.97 6.62
CA LEU A 439 -13.50 -3.12 5.13
CA LEU A 439 -13.59 -3.04 5.21
C LEU A 439 -13.54 -4.54 4.70
C LEU A 439 -13.60 -4.54 4.73
N ILE A 440 -13.05 -5.48 5.49
CA ILE A 440 -13.13 -6.89 5.10
C ILE A 440 -14.61 -7.26 5.09
N PRO A 441 -15.11 -7.94 4.06
CA PRO A 441 -16.55 -8.25 4.02
C PRO A 441 -17.09 -8.95 5.22
N TYR A 442 -16.36 -9.92 5.77
CA TYR A 442 -16.87 -10.66 6.91
C TYR A 442 -16.90 -9.80 8.19
N MET A 443 -16.35 -8.59 8.15
CA MET A 443 -16.42 -7.63 9.29
C MET A 443 -17.57 -6.68 9.04
N GLY A 444 -17.45 -5.70 8.17
CA GLY A 444 -18.48 -4.66 8.03
C GLY A 444 -19.74 -5.20 7.42
N HIS A 445 -19.76 -6.27 6.67
CA HIS A 445 -20.93 -6.88 6.06
C HIS A 445 -21.18 -8.25 6.65
N GLY A 446 -20.66 -8.55 7.81
CA GLY A 446 -20.68 -9.90 8.36
C GLY A 446 -21.63 -10.10 9.52
N ASN A 447 -21.42 -11.13 10.28
CA ASN A 447 -22.28 -11.55 11.37
C ASN A 447 -22.02 -10.93 12.66
N GLY A 448 -20.90 -10.26 12.89
CA GLY A 448 -20.50 -9.71 14.14
C GLY A 448 -20.21 -8.22 14.08
N PRO A 449 -19.64 -7.70 15.19
CA PRO A 449 -19.35 -6.28 15.30
C PRO A 449 -18.42 -5.86 14.13
N ALA A 450 -18.69 -4.81 13.43
CA ALA A 450 -17.87 -4.40 12.30
C ALA A 450 -16.49 -3.94 12.69
N HIS A 451 -16.32 -3.42 13.88
CA HIS A 451 -15.12 -2.75 14.29
C HIS A 451 -14.28 -3.47 15.34
N ARG A 452 -14.71 -4.66 15.76
CA ARG A 452 -14.08 -5.31 16.86
C ARG A 452 -13.93 -6.79 16.61
N GLY A 453 -12.80 -7.32 16.92
CA GLY A 453 -12.61 -8.79 16.95
C GLY A 453 -12.40 -9.39 15.56
N GLY A 454 -12.62 -10.69 15.52
CA GLY A 454 -12.46 -11.42 14.27
C GLY A 454 -11.02 -11.69 13.92
N LYS A 455 -10.13 -11.69 14.87
CA LYS A 455 -8.72 -11.90 14.60
C LYS A 455 -8.21 -13.17 15.22
N VAL A 456 -7.12 -13.72 14.71
CA VAL A 456 -6.60 -15.03 15.15
C VAL A 456 -5.14 -15.12 14.95
N VAL A 457 -4.43 -15.77 15.86
CA VAL A 457 -3.08 -16.24 15.64
C VAL A 457 -3.12 -17.73 15.43
N SER A 458 -2.62 -18.17 14.29
CA SER A 458 -2.55 -19.57 13.91
C SER A 458 -1.14 -20.04 13.97
N ASP A 459 -0.85 -20.96 14.89
CA ASP A 459 0.51 -21.42 15.08
C ASP A 459 0.83 -22.63 14.18
N ALA A 460 1.60 -22.40 13.11
CA ALA A 460 2.11 -23.45 12.25
C ALA A 460 3.50 -23.85 12.56
N LEU A 461 3.98 -23.59 13.80
CA LEU A 461 5.16 -24.21 14.35
C LEU A 461 4.80 -25.59 14.87
N MET A 462 5.62 -26.57 14.57
CA MET A 462 5.44 -27.92 15.07
C MET A 462 5.95 -28.04 16.49
N PRO A 463 5.50 -29.07 17.23
CA PRO A 463 5.87 -29.09 18.71
C PRO A 463 7.34 -29.10 18.93
N THR A 464 8.16 -29.83 18.20
CA THR A 464 9.58 -29.90 18.50
C THR A 464 10.26 -28.64 18.16
N GLU A 465 9.66 -27.69 17.41
CA GLU A 465 10.32 -26.46 17.14
C GLU A 465 10.45 -25.61 18.44
N TYR A 466 9.64 -25.85 19.41
CA TYR A 466 9.71 -25.18 20.74
C TYR A 466 10.74 -25.85 21.64
N THR A 467 11.21 -27.03 21.35
CA THR A 467 11.99 -27.89 22.35
C THR A 467 13.32 -28.21 21.76
N THR A 468 13.38 -29.25 20.95
CA THR A 468 14.63 -29.82 20.53
C THR A 468 15.00 -29.58 19.08
N GLY A 469 14.08 -29.14 18.23
CA GLY A 469 14.35 -28.82 16.88
C GLY A 469 13.45 -29.58 15.87
N ARG A 470 13.42 -29.09 14.66
CA ARG A 470 12.65 -29.76 13.56
C ARG A 470 12.99 -31.22 13.49
N ASN A 471 11.96 -32.06 13.40
CA ASN A 471 12.11 -33.53 13.43
C ASN A 471 11.57 -34.23 12.15
N TRP A 472 11.40 -33.48 11.13
CA TRP A 472 11.02 -34.01 9.80
C TRP A 472 11.89 -33.54 8.76
N GLU A 473 11.80 -34.19 7.58
CA GLU A 473 12.24 -33.72 6.32
C GLU A 473 11.10 -33.58 5.31
N ALA A 474 11.10 -32.64 4.42
CA ALA A 474 10.03 -32.60 3.45
C ALA A 474 10.18 -33.80 2.51
N ALA A 475 8.98 -34.29 2.07
CA ALA A 475 8.88 -35.29 0.97
C ALA A 475 8.80 -34.52 -0.32
N ASP A 476 9.94 -33.88 -0.68
CA ASP A 476 10.08 -33.15 -1.89
C ASP A 476 11.40 -33.48 -2.56
N PHE A 477 11.55 -33.00 -3.78
CA PHE A 477 12.79 -33.27 -4.50
C PHE A 477 13.98 -32.74 -3.70
N ASN A 478 13.84 -31.54 -3.17
CA ASN A 478 14.99 -30.89 -2.46
C ASN A 478 15.41 -31.66 -1.29
N GLN A 479 14.54 -32.16 -0.45
CA GLN A 479 14.90 -32.70 0.84
C GLN A 479 14.90 -34.18 0.97
N SER A 480 14.26 -34.90 0.08
N SER A 480 14.31 -34.91 -0.01
CA SER A 480 14.21 -36.33 0.21
CA SER A 480 14.20 -36.40 0.05
C SER A 480 15.17 -37.10 -0.67
C SER A 480 15.26 -37.16 -0.59
N TYR A 481 16.20 -36.45 -1.24
CA TYR A 481 17.17 -37.09 -2.11
C TYR A 481 18.56 -36.44 -1.83
N PRO A 482 19.63 -37.22 -1.82
CA PRO A 482 20.98 -36.60 -1.58
C PRO A 482 21.37 -35.72 -2.66
N GLU A 483 22.35 -34.80 -2.32
CA GLU A 483 22.79 -33.83 -3.27
C GLU A 483 23.36 -34.36 -4.57
N ASP A 484 24.17 -35.38 -4.51
N ASP A 484 24.16 -35.39 -4.45
CA ASP A 484 24.73 -35.82 -5.76
CA ASP A 484 24.79 -35.93 -5.63
C ASP A 484 23.75 -36.51 -6.68
C ASP A 484 23.69 -36.38 -6.73
N LEU A 485 22.70 -37.10 -6.13
CA LEU A 485 21.60 -37.69 -6.95
C LEU A 485 20.84 -36.58 -7.54
N LYS A 486 20.47 -35.58 -6.76
CA LYS A 486 19.73 -34.50 -7.29
C LYS A 486 20.39 -33.84 -8.57
N GLN A 487 21.72 -33.61 -8.34
CA GLN A 487 22.48 -32.99 -9.41
C GLN A 487 22.59 -33.88 -10.68
N LYS A 488 22.71 -35.20 -10.47
CA LYS A 488 22.68 -36.13 -11.57
C LYS A 488 21.37 -36.05 -12.40
N VAL A 489 20.27 -36.04 -11.63
CA VAL A 489 18.94 -35.93 -12.24
C VAL A 489 18.81 -34.67 -13.06
N LEU A 490 19.22 -33.55 -12.42
CA LEU A 490 19.12 -32.26 -13.16
C LEU A 490 20.05 -32.21 -14.44
N ASP A 491 21.22 -32.80 -14.23
CA ASP A 491 22.19 -32.73 -15.37
C ASP A 491 21.73 -33.64 -16.51
N ASN A 492 20.95 -34.73 -16.21
CA ASN A 492 20.49 -35.67 -17.26
C ASN A 492 19.06 -35.41 -17.72
N TRP A 493 18.47 -34.39 -17.19
CA TRP A 493 16.99 -34.10 -17.41
C TRP A 493 16.56 -33.99 -18.81
N THR A 494 17.27 -33.12 -19.59
CA THR A 494 16.82 -32.89 -20.96
C THR A 494 17.32 -34.03 -21.82
N LYS A 495 18.44 -34.68 -21.54
CA LYS A 495 18.98 -35.90 -22.15
C LYS A 495 18.03 -37.08 -22.09
N MET A 496 17.47 -37.29 -20.88
CA MET A 496 16.49 -38.39 -20.71
C MET A 496 15.27 -38.20 -21.51
N GLY A 497 14.85 -36.99 -21.86
CA GLY A 497 13.58 -36.47 -22.51
C GLY A 497 12.60 -35.46 -21.89
N PHE A 498 12.85 -34.86 -20.71
CA PHE A 498 11.98 -34.04 -19.99
C PHE A 498 12.14 -32.56 -20.41
N SER A 499 11.38 -31.63 -19.87
CA SER A 499 11.41 -30.19 -20.27
C SER A 499 12.28 -29.51 -19.28
N HIS A 503 13.67 -20.66 -18.80
CA HIS A 503 14.78 -19.71 -18.67
C HIS A 503 14.41 -18.68 -17.63
N HIS A 504 15.39 -18.23 -16.83
CA HIS A 504 15.05 -17.47 -15.61
C HIS A 504 14.53 -16.05 -15.89
N HIS A 505 14.93 -15.43 -17.00
CA HIS A 505 14.42 -14.07 -17.33
C HIS A 505 13.14 -13.95 -18.18
N HIS A 506 12.72 -15.03 -18.87
CA HIS A 506 11.57 -15.01 -19.81
#